data_4X2M
#
_entry.id   4X2M
#
_cell.length_a   83.958
_cell.length_b   83.958
_cell.length_c   131.340
_cell.angle_alpha   90.00
_cell.angle_beta   90.00
_cell.angle_gamma   90.00
#
_symmetry.space_group_name_H-M   'P 41 21 2'
#
loop_
_entity.id
_entity.type
_entity.pdbx_description
1 polymer Mtr2
2 water water
#
_entity_poly.entity_id   1
_entity_poly.type   'polypeptide(L)'
_entity_poly.pdbx_seq_one_letter_code
;MLSRRYAAKSFVEWYYRQINENKPVASGYVNNNATYTKAGHPPADITINGRVVATPEEWDTMLKEQRAQHNTSSSSTLPI
GRKPVRYDVDCFDVHVINADYRFAAPQRMIEQHAPTDGVRMMMALTVSGSVYFGASPRSTDDYVIKQHFNDVFILVPNWD
VLEKPGARSGRKYLIASHKYRAY
;
_entity_poly.pdbx_strand_id   A,B
#
# COMPACT_ATOMS: atom_id res chain seq x y z
N LEU A 2 -6.06 11.26 -10.25
CA LEU A 2 -7.21 11.57 -9.38
C LEU A 2 -6.82 12.65 -8.37
N SER A 3 -7.75 13.55 -8.08
CA SER A 3 -7.49 14.66 -7.19
C SER A 3 -7.13 14.19 -5.79
N ARG A 4 -7.82 13.15 -5.32
CA ARG A 4 -7.57 12.63 -3.98
C ARG A 4 -6.21 11.94 -3.89
N ARG A 5 -5.77 11.33 -4.98
CA ARG A 5 -4.45 10.70 -5.02
C ARG A 5 -3.35 11.75 -4.94
N TYR A 6 -3.51 12.84 -5.68
CA TYR A 6 -2.53 13.93 -5.65
C TYR A 6 -2.40 14.51 -4.25
N ALA A 7 -3.53 14.85 -3.64
CA ALA A 7 -3.54 15.42 -2.31
C ALA A 7 -2.85 14.49 -1.32
N ALA A 8 -3.22 13.22 -1.35
CA ALA A 8 -2.65 12.22 -0.46
C ALA A 8 -1.16 12.04 -0.72
N LYS A 9 -0.79 11.93 -2.00
CA LYS A 9 0.60 11.74 -2.38
C LYS A 9 1.48 12.85 -1.83
N SER A 10 0.99 14.09 -1.93
CA SER A 10 1.75 15.24 -1.49
C SER A 10 1.93 15.23 0.04
N PHE A 11 0.87 14.86 0.75
CA PHE A 11 0.95 14.77 2.21
C PHE A 11 1.90 13.67 2.64
N VAL A 12 1.77 12.49 2.04
CA VAL A 12 2.58 11.33 2.39
C VAL A 12 4.06 11.65 2.21
N GLU A 13 4.40 12.27 1.09
CA GLU A 13 5.79 12.62 0.81
C GLU A 13 6.34 13.60 1.83
N TRP A 14 5.53 14.59 2.20
CA TRP A 14 5.94 15.56 3.20
C TRP A 14 6.13 14.89 4.56
N TYR A 15 5.11 14.16 5.00
CA TYR A 15 5.06 13.65 6.36
C TYR A 15 6.25 12.77 6.71
N TYR A 16 6.52 11.77 5.87
CA TYR A 16 7.59 10.84 6.14
C TYR A 16 8.97 11.42 5.81
N ARG A 17 9.02 12.47 4.99
CA ARG A 17 10.27 13.19 4.78
C ARG A 17 10.66 13.90 6.08
N GLN A 18 9.69 14.53 6.73
CA GLN A 18 9.93 15.20 8.00
C GLN A 18 10.53 14.23 9.01
N ILE A 19 9.93 13.05 9.12
CA ILE A 19 10.39 12.06 10.08
C ILE A 19 11.80 11.59 9.75
N ASN A 20 12.07 11.36 8.47
CA ASN A 20 13.38 10.87 8.04
C ASN A 20 14.47 11.95 8.15
N GLU A 21 14.07 13.21 8.17
CA GLU A 21 15.00 14.32 8.30
C GLU A 21 15.03 14.85 9.74
N ASN A 22 14.49 14.08 10.67
CA ASN A 22 14.48 14.43 12.09
C ASN A 22 13.82 15.77 12.36
N LYS A 23 12.77 16.08 11.61
CA LYS A 23 12.01 17.31 11.79
C LYS A 23 10.62 17.00 12.36
N PRO A 24 10.02 17.98 13.07
CA PRO A 24 8.71 17.76 13.68
C PRO A 24 7.58 17.63 12.66
N VAL A 25 6.61 16.78 12.95
CA VAL A 25 5.42 16.65 12.11
C VAL A 25 4.22 17.35 12.75
N ALA A 26 4.44 17.94 13.93
CA ALA A 26 3.36 18.54 14.72
C ALA A 26 2.59 19.60 13.94
N SER A 27 3.27 20.29 13.03
CA SER A 27 2.62 21.35 12.26
C SER A 27 1.61 20.80 11.26
N GLY A 28 1.61 19.48 11.08
CA GLY A 28 0.70 18.83 10.16
C GLY A 28 -0.64 18.45 10.77
N TYR A 29 -0.79 18.74 12.07
CA TYR A 29 -2.00 18.36 12.81
C TYR A 29 -2.90 19.57 13.02
N VAL A 30 -4.20 19.32 13.16
CA VAL A 30 -5.18 20.39 13.34
C VAL A 30 -4.92 21.20 14.61
N ASN A 31 -4.30 20.57 15.60
CA ASN A 31 -4.00 21.22 16.87
C ASN A 31 -3.29 22.56 16.72
N ASN A 32 -2.42 22.66 15.72
CA ASN A 32 -1.54 23.82 15.56
C ASN A 32 -1.98 24.73 14.42
N ASN A 33 -3.25 24.61 14.03
CA ASN A 33 -3.86 25.52 13.07
C ASN A 33 -4.88 26.43 13.75
N ALA A 34 -4.61 27.73 13.73
CA ALA A 34 -5.41 28.70 14.48
C ALA A 34 -6.86 28.74 14.00
N THR A 35 -7.06 28.63 12.68
CA THR A 35 -8.40 28.68 12.11
C THR A 35 -9.29 27.58 12.66
N TYR A 36 -8.75 26.37 12.75
CA TYR A 36 -9.47 25.23 13.31
C TYR A 36 -9.65 25.42 14.82
N THR A 37 -8.62 25.93 15.48
CA THR A 37 -8.67 26.14 16.92
C THR A 37 -9.77 27.12 17.32
N LYS A 38 -9.86 28.25 16.62
CA LYS A 38 -10.87 29.25 16.95
C LYS A 38 -12.28 28.70 16.75
N ALA A 39 -12.42 27.81 15.78
CA ALA A 39 -13.72 27.23 15.46
C ALA A 39 -14.10 26.13 16.44
N GLY A 40 -13.18 25.80 17.35
CA GLY A 40 -13.49 24.85 18.41
C GLY A 40 -13.24 23.40 18.06
N HIS A 41 -12.40 23.14 17.06
CA HIS A 41 -12.10 21.76 16.71
C HIS A 41 -11.35 21.08 17.85
N PRO A 42 -11.75 19.85 18.21
CA PRO A 42 -11.02 19.11 19.25
C PRO A 42 -9.59 18.78 18.84
N PRO A 43 -8.71 18.49 19.81
CA PRO A 43 -7.35 18.05 19.49
C PRO A 43 -7.36 16.77 18.65
N ALA A 44 -6.33 16.56 17.85
CA ALA A 44 -6.24 15.37 17.02
C ALA A 44 -6.29 14.10 17.86
N ASP A 45 -7.04 13.11 17.40
CA ASP A 45 -7.07 11.80 18.03
C ASP A 45 -5.86 11.00 17.56
N ILE A 46 -4.93 10.74 18.47
CA ILE A 46 -3.69 10.04 18.13
C ILE A 46 -3.56 8.75 18.92
N THR A 47 -3.35 7.65 18.21
CA THR A 47 -3.14 6.35 18.83
C THR A 47 -1.87 5.72 18.26
N ILE A 48 -0.92 5.42 19.14
CA ILE A 48 0.37 4.84 18.75
C ILE A 48 0.50 3.44 19.36
N ASN A 49 0.50 2.43 18.50
CA ASN A 49 0.53 1.03 18.93
C ASN A 49 -0.50 0.75 20.03
N GLY A 50 -1.71 1.25 19.83
CA GLY A 50 -2.82 0.97 20.72
C GLY A 50 -2.93 1.90 21.92
N ARG A 51 -1.93 2.76 22.11
CA ARG A 51 -1.94 3.69 23.23
C ARG A 51 -2.30 5.10 22.77
N VAL A 52 -3.23 5.73 23.47
CA VAL A 52 -3.64 7.08 23.16
C VAL A 52 -2.52 8.05 23.53
N VAL A 53 -2.17 8.92 22.60
CA VAL A 53 -1.15 9.95 22.81
C VAL A 53 -1.83 11.31 22.72
N ALA A 54 -1.66 12.12 23.75
CA ALA A 54 -2.47 13.33 23.91
C ALA A 54 -2.19 14.38 22.84
N THR A 55 -0.92 14.54 22.46
CA THR A 55 -0.53 15.62 21.55
C THR A 55 0.45 15.16 20.48
N PRO A 56 0.45 15.85 19.33
CA PRO A 56 1.42 15.53 18.27
C PRO A 56 2.86 15.83 18.70
N GLU A 57 3.03 16.77 19.62
CA GLU A 57 4.36 17.10 20.13
C GLU A 57 4.95 15.91 20.88
N GLU A 58 4.09 15.15 21.56
CA GLU A 58 4.54 13.96 22.27
C GLU A 58 4.92 12.86 21.27
N TRP A 59 4.20 12.79 20.16
CA TRP A 59 4.51 11.84 19.09
C TRP A 59 5.89 12.15 18.51
N ASP A 60 6.17 13.43 18.32
CA ASP A 60 7.50 13.86 17.86
C ASP A 60 8.58 13.45 18.85
N THR A 61 8.27 13.54 20.14
CA THR A 61 9.21 13.16 21.19
C THR A 61 9.47 11.66 21.15
N MET A 62 8.41 10.88 20.92
CA MET A 62 8.53 9.43 20.84
C MET A 62 9.42 9.02 19.66
N LEU A 63 9.35 9.79 18.58
CA LEU A 63 10.18 9.52 17.41
C LEU A 63 11.66 9.82 17.70
N LYS A 64 11.91 10.90 18.44
CA LYS A 64 13.27 11.17 18.91
C LYS A 64 13.80 10.03 19.76
N GLU A 65 12.95 9.55 20.67
CA GLU A 65 13.33 8.49 21.59
C GLU A 65 13.61 7.19 20.85
N GLN A 66 12.88 6.97 19.76
CA GLN A 66 13.09 5.79 18.93
C GLN A 66 14.48 5.83 18.29
N ARG A 67 14.88 7.01 17.81
CA ARG A 67 16.22 7.18 17.24
C ARG A 67 17.29 6.92 18.30
N ALA A 68 17.10 7.49 19.49
CA ALA A 68 18.05 7.31 20.58
C ALA A 68 18.17 5.84 20.95
N GLN A 69 17.05 5.14 20.94
CA GLN A 69 17.01 3.72 21.29
C GLN A 69 17.82 2.87 20.33
N HIS A 70 17.90 3.31 19.07
CA HIS A 70 18.61 2.58 18.04
C HIS A 70 19.88 3.29 17.58
N ASN A 71 20.30 4.28 18.36
CA ASN A 71 21.57 4.96 18.11
C ASN A 71 22.70 4.19 18.78
N THR A 72 23.45 3.45 17.97
CA THR A 72 24.55 2.62 18.46
C THR A 72 25.90 3.21 18.07
N SER A 73 25.93 4.51 17.82
CA SER A 73 27.12 5.16 17.28
C SER A 73 28.33 5.06 18.21
N SER A 74 28.10 4.85 19.50
CA SER A 74 29.18 4.74 20.46
C SER A 74 29.86 3.37 20.41
N SER A 75 29.31 2.46 19.62
CA SER A 75 29.90 1.14 19.43
C SER A 75 31.15 1.21 18.55
N SER A 76 32.18 0.47 18.93
CA SER A 76 33.44 0.46 18.20
C SER A 76 33.56 -0.69 17.19
N THR A 77 32.53 -1.55 17.15
CA THR A 77 32.60 -2.77 16.34
C THR A 77 31.52 -2.85 15.27
N LEU A 78 30.37 -2.23 15.53
CA LEU A 78 29.28 -2.24 14.56
C LEU A 78 29.71 -1.50 13.29
N PRO A 79 29.13 -1.87 12.14
CA PRO A 79 29.56 -1.25 10.89
C PRO A 79 29.28 0.25 10.87
N ILE A 80 30.18 1.03 10.30
CA ILE A 80 30.01 2.48 10.26
C ILE A 80 29.16 2.90 9.08
N GLY A 81 28.58 4.09 9.17
CA GLY A 81 27.78 4.64 8.08
C GLY A 81 26.35 4.14 8.08
N ARG A 82 25.86 3.74 9.25
CA ARG A 82 24.48 3.26 9.39
C ARG A 82 23.58 4.32 10.01
N LYS A 83 22.35 4.39 9.51
CA LYS A 83 21.36 5.31 10.04
C LYS A 83 20.47 4.62 11.08
N PRO A 84 20.27 5.27 12.25
CA PRO A 84 19.46 4.65 13.31
C PRO A 84 18.05 4.24 12.86
N VAL A 85 17.33 5.14 12.20
CA VAL A 85 15.94 4.87 11.80
C VAL A 85 15.65 5.42 10.40
N ARG A 86 14.96 4.62 9.59
CA ARG A 86 14.50 5.06 8.28
C ARG A 86 13.12 4.49 7.94
N TYR A 87 12.21 5.38 7.56
CA TYR A 87 10.86 4.99 7.13
C TYR A 87 10.77 4.92 5.61
N ASP A 88 10.32 3.78 5.10
CA ASP A 88 10.06 3.60 3.67
C ASP A 88 8.59 3.32 3.42
N VAL A 89 7.96 4.17 2.60
CA VAL A 89 6.57 3.95 2.22
C VAL A 89 6.48 3.00 1.04
N ASP A 90 5.66 1.96 1.18
CA ASP A 90 5.45 1.00 0.11
C ASP A 90 4.30 1.45 -0.80
N CYS A 91 3.19 1.81 -0.20
CA CYS A 91 2.01 2.24 -0.94
C CYS A 91 1.03 2.94 -0.02
N PHE A 92 0.00 3.54 -0.59
CA PHE A 92 -1.08 4.13 0.20
C PHE A 92 -2.42 4.08 -0.53
N ASP A 93 -3.49 4.20 0.24
CA ASP A 93 -4.84 4.17 -0.27
C ASP A 93 -5.62 5.33 0.34
N VAL A 94 -6.44 6.00 -0.47
CA VAL A 94 -7.19 7.15 0.00
C VAL A 94 -8.66 7.06 -0.40
N HIS A 95 -9.53 7.43 0.53
CA HIS A 95 -10.97 7.34 0.37
C HIS A 95 -11.62 8.61 0.90
N VAL A 96 -12.45 9.25 0.07
CA VAL A 96 -13.12 10.47 0.48
C VAL A 96 -14.31 10.13 1.39
N ILE A 97 -14.24 10.56 2.64
CA ILE A 97 -15.30 10.30 3.62
C ILE A 97 -16.44 11.28 3.41
N ASN A 98 -16.08 12.55 3.20
CA ASN A 98 -17.05 13.62 3.05
C ASN A 98 -16.54 14.62 2.02
N ALA A 99 -17.24 14.71 0.89
CA ALA A 99 -16.81 15.56 -0.21
C ALA A 99 -17.32 16.99 -0.04
N ASP A 100 -18.07 17.24 1.03
CA ASP A 100 -18.62 18.56 1.30
C ASP A 100 -18.28 18.97 2.72
N TYR A 101 -17.00 18.88 3.06
CA TYR A 101 -16.51 19.18 4.40
C TYR A 101 -16.56 20.69 4.65
N ARG A 102 -17.14 21.08 5.78
CA ARG A 102 -17.47 22.48 6.02
C ARG A 102 -16.96 23.05 7.33
N PHE A 103 -16.28 22.25 8.15
CA PHE A 103 -15.84 22.73 9.45
C PHE A 103 -14.81 23.85 9.32
N ALA A 104 -15.08 24.97 9.98
CA ALA A 104 -14.18 26.12 10.00
C ALA A 104 -13.95 26.69 8.61
N ALA A 105 -14.81 26.34 7.67
CA ALA A 105 -14.69 26.84 6.30
C ALA A 105 -15.12 28.30 6.21
N PRO A 106 -14.26 29.17 5.65
CA PRO A 106 -14.76 30.51 5.31
C PRO A 106 -15.88 30.40 4.28
N GLN A 107 -16.85 31.31 4.33
CA GLN A 107 -18.02 31.21 3.46
C GLN A 107 -17.64 31.29 1.98
N ARG A 108 -16.62 32.06 1.66
CA ARG A 108 -16.15 32.17 0.29
C ARG A 108 -15.63 30.84 -0.24
N MET A 109 -14.98 30.07 0.62
CA MET A 109 -14.42 28.78 0.21
C MET A 109 -15.52 27.78 -0.09
N ILE A 110 -16.63 27.86 0.65
CA ILE A 110 -17.79 27.02 0.41
C ILE A 110 -18.40 27.35 -0.95
N GLU A 111 -18.57 28.63 -1.22
CA GLU A 111 -19.18 29.09 -2.46
C GLU A 111 -18.27 28.81 -3.66
N GLN A 112 -16.97 29.02 -3.47
CA GLN A 112 -16.01 28.88 -4.56
C GLN A 112 -15.78 27.43 -4.98
N HIS A 113 -15.88 26.52 -4.01
CA HIS A 113 -15.58 25.10 -4.27
C HIS A 113 -16.78 24.20 -4.01
N ALA A 114 -17.33 23.64 -5.09
CA ALA A 114 -18.45 22.72 -5.00
C ALA A 114 -17.98 21.35 -4.50
N PRO A 115 -18.90 20.53 -3.98
CA PRO A 115 -18.55 19.17 -3.52
C PRO A 115 -17.88 18.30 -4.58
N THR A 116 -17.97 18.69 -5.85
CA THR A 116 -17.38 17.92 -6.94
C THR A 116 -16.03 18.47 -7.41
N ASP A 117 -15.54 19.52 -6.77
CA ASP A 117 -14.31 20.17 -7.20
C ASP A 117 -13.06 19.53 -6.58
N GLY A 118 -13.27 18.58 -5.68
CA GLY A 118 -12.17 17.82 -5.11
C GLY A 118 -11.24 18.65 -4.24
N VAL A 119 -11.79 19.64 -3.53
CA VAL A 119 -11.01 20.50 -2.66
C VAL A 119 -11.44 20.32 -1.20
N ARG A 120 -12.72 20.51 -0.94
CA ARG A 120 -13.23 20.44 0.42
C ARG A 120 -13.52 19.00 0.83
N MET A 121 -12.47 18.17 0.81
CA MET A 121 -12.57 16.75 1.13
C MET A 121 -12.08 16.45 2.54
N MET A 122 -12.83 15.61 3.25
CA MET A 122 -12.28 14.87 4.39
C MET A 122 -11.90 13.49 3.89
N MET A 123 -10.64 13.11 4.09
CA MET A 123 -10.11 11.88 3.49
C MET A 123 -9.66 10.88 4.54
N ALA A 124 -9.90 9.61 4.26
CA ALA A 124 -9.29 8.51 5.02
C ALA A 124 -8.07 8.02 4.25
N LEU A 125 -6.90 8.16 4.85
CA LEU A 125 -5.64 7.79 4.21
C LEU A 125 -4.98 6.65 4.96
N THR A 126 -4.72 5.55 4.24
CA THR A 126 -4.02 4.41 4.79
C THR A 126 -2.67 4.27 4.14
N VAL A 127 -1.62 4.20 4.96
CA VAL A 127 -0.25 4.10 4.47
C VAL A 127 0.37 2.81 4.98
N SER A 128 1.05 2.10 4.08
CA SER A 128 1.77 0.88 4.44
C SER A 128 3.23 1.02 4.07
N GLY A 129 4.11 0.55 4.94
CA GLY A 129 5.53 0.64 4.68
C GLY A 129 6.37 -0.15 5.66
N SER A 130 7.67 0.15 5.67
CA SER A 130 8.62 -0.54 6.53
C SER A 130 9.48 0.45 7.30
N VAL A 131 9.93 0.04 8.49
CA VAL A 131 10.88 0.81 9.27
C VAL A 131 12.18 0.03 9.36
N TYR A 132 13.28 0.65 8.94
CA TYR A 132 14.59 0.02 8.97
C TYR A 132 15.45 0.62 10.07
N PHE A 133 15.98 -0.24 10.93
CA PHE A 133 16.85 0.19 12.03
C PHE A 133 18.29 -0.27 11.80
N GLY A 134 19.21 0.69 11.83
CA GLY A 134 20.63 0.40 11.73
C GLY A 134 21.06 0.02 10.32
N ALA A 135 20.28 0.42 9.33
CA ALA A 135 20.56 0.10 7.94
C ALA A 135 21.36 1.21 7.27
N SER A 136 22.07 0.86 6.21
CA SER A 136 22.70 1.86 5.36
C SER A 136 21.61 2.73 4.73
N PRO A 137 21.93 4.01 4.42
CA PRO A 137 20.92 4.98 3.97
C PRO A 137 20.00 4.51 2.84
N ARG A 138 20.46 3.60 1.99
CA ARG A 138 19.68 3.17 0.83
C ARG A 138 19.41 1.66 0.80
N SER A 139 19.93 0.95 1.79
CA SER A 139 19.79 -0.51 1.82
C SER A 139 18.46 -0.96 2.41
N THR A 140 17.92 -2.05 1.85
CA THR A 140 16.75 -2.72 2.41
C THR A 140 17.13 -4.13 2.88
N ASP A 141 18.44 -4.37 2.99
CA ASP A 141 18.95 -5.72 3.25
C ASP A 141 19.86 -5.82 4.47
N ASP A 142 20.59 -4.75 4.79
CA ASP A 142 21.62 -4.83 5.83
C ASP A 142 21.15 -4.26 7.18
N TYR A 143 19.85 -4.13 7.35
CA TYR A 143 19.29 -3.65 8.61
C TYR A 143 19.64 -4.57 9.78
N VAL A 144 19.57 -4.03 11.00
CA VAL A 144 19.69 -4.85 12.20
C VAL A 144 18.30 -5.34 12.60
N ILE A 145 17.32 -4.47 12.43
CA ILE A 145 15.92 -4.80 12.69
C ILE A 145 15.05 -4.17 11.61
N LYS A 146 14.00 -4.87 11.22
CA LYS A 146 13.00 -4.33 10.30
C LYS A 146 11.60 -4.49 10.87
N GLN A 147 10.83 -3.40 10.83
CA GLN A 147 9.41 -3.44 11.18
C GLN A 147 8.56 -3.13 9.97
N HIS A 148 7.35 -3.66 9.97
CA HIS A 148 6.31 -3.20 9.06
C HIS A 148 5.42 -2.24 9.84
N PHE A 149 4.96 -1.18 9.19
CA PHE A 149 4.05 -0.25 9.85
C PHE A 149 2.83 0.08 8.99
N ASN A 150 1.74 0.39 9.68
CA ASN A 150 0.53 0.91 9.06
C ASN A 150 0.13 2.22 9.71
N ASP A 151 -0.16 3.21 8.87
CA ASP A 151 -0.67 4.49 9.35
C ASP A 151 -2.06 4.73 8.78
N VAL A 152 -2.98 5.14 9.64
CA VAL A 152 -4.31 5.54 9.20
C VAL A 152 -4.57 6.97 9.62
N PHE A 153 -4.72 7.85 8.63
CA PHE A 153 -4.97 9.26 8.88
C PHE A 153 -6.39 9.64 8.47
N ILE A 154 -6.98 10.60 9.20
CA ILE A 154 -8.11 11.35 8.68
C ILE A 154 -7.62 12.77 8.41
N LEU A 155 -7.71 13.18 7.15
CA LEU A 155 -7.23 14.49 6.74
C LEU A 155 -8.38 15.44 6.46
N VAL A 156 -8.21 16.70 6.84
CA VAL A 156 -9.20 17.73 6.59
C VAL A 156 -8.53 18.93 5.91
N PRO A 157 -9.32 19.73 5.16
CA PRO A 157 -8.72 20.82 4.38
C PRO A 157 -8.11 21.93 5.22
N ASN A 158 -6.91 22.35 4.86
CA ASN A 158 -6.29 23.53 5.46
C ASN A 158 -6.75 24.79 4.73
N TRP A 159 -7.78 25.43 5.26
CA TRP A 159 -8.40 26.58 4.61
C TRP A 159 -7.40 27.69 4.37
N ASP A 160 -6.51 27.91 5.34
CA ASP A 160 -5.50 28.95 5.26
C ASP A 160 -4.64 28.82 3.99
N VAL A 161 -4.18 27.62 3.71
CA VAL A 161 -3.33 27.36 2.57
C VAL A 161 -4.13 27.30 1.26
N LEU A 162 -5.29 26.67 1.31
CA LEU A 162 -6.07 26.40 0.11
C LEU A 162 -6.62 27.68 -0.51
N GLU A 163 -6.72 28.75 0.29
CA GLU A 163 -7.26 30.02 -0.19
C GLU A 163 -6.14 30.96 -0.66
N LYS A 164 -4.89 30.63 -0.33
CA LYS A 164 -3.76 31.46 -0.74
C LYS A 164 -3.63 31.50 -2.26
N GLY A 170 2.55 25.72 2.61
CA GLY A 170 2.16 24.94 3.76
C GLY A 170 1.38 23.70 3.36
N ARG A 171 0.89 22.96 4.35
CA ARG A 171 0.13 21.74 4.09
C ARG A 171 -1.30 22.09 3.68
N LYS A 172 -1.72 21.51 2.55
CA LYS A 172 -3.07 21.74 2.06
C LYS A 172 -4.11 20.94 2.86
N TYR A 173 -3.65 19.89 3.55
CA TYR A 173 -4.53 19.10 4.40
C TYR A 173 -3.88 18.80 5.75
N LEU A 174 -4.71 18.80 6.79
CA LEU A 174 -4.25 18.64 8.16
C LEU A 174 -4.75 17.34 8.77
N ILE A 175 -3.98 16.79 9.71
CA ILE A 175 -4.35 15.55 10.38
C ILE A 175 -5.33 15.80 11.52
N ALA A 176 -6.49 15.15 11.44
CA ALA A 176 -7.50 15.23 12.50
C ALA A 176 -7.51 13.95 13.33
N SER A 177 -6.99 12.87 12.73
CA SER A 177 -6.89 11.59 13.41
C SER A 177 -5.70 10.82 12.88
N HIS A 178 -5.05 10.06 13.76
CA HIS A 178 -3.85 9.31 13.40
C HIS A 178 -3.77 8.02 14.22
N LYS A 179 -3.74 6.89 13.53
CA LYS A 179 -3.51 5.59 14.15
C LYS A 179 -2.29 4.93 13.55
N TYR A 180 -1.30 4.66 14.41
CA TYR A 180 -0.04 4.09 14.00
C TYR A 180 0.15 2.72 14.64
N ARG A 181 0.56 1.75 13.83
CA ARG A 181 0.87 0.41 14.31
C ARG A 181 2.11 -0.10 13.60
N ALA A 182 3.11 -0.49 14.38
CA ALA A 182 4.33 -1.08 13.84
C ALA A 182 4.69 -2.35 14.59
N TYR A 183 5.20 -3.34 13.85
CA TYR A 183 5.62 -4.60 14.45
C TYR A 183 6.68 -5.27 13.59
N LEU B 2 -5.05 7.69 -13.96
CA LEU B 2 -3.84 7.23 -14.66
C LEU B 2 -4.05 5.84 -15.23
N SER B 3 -3.51 5.62 -16.42
CA SER B 3 -3.67 4.37 -17.13
C SER B 3 -3.05 3.20 -16.36
N ARG B 4 -1.88 3.44 -15.76
CA ARG B 4 -1.18 2.38 -15.05
C ARG B 4 -1.92 2.00 -13.76
N ARG B 5 -2.57 2.97 -13.13
CA ARG B 5 -3.36 2.69 -11.94
C ARG B 5 -4.60 1.87 -12.28
N TYR B 6 -5.27 2.22 -13.38
CA TYR B 6 -6.45 1.50 -13.83
C TYR B 6 -6.11 0.04 -14.10
N ALA B 7 -5.07 -0.17 -14.89
CA ALA B 7 -4.61 -1.52 -15.25
C ALA B 7 -4.26 -2.32 -14.01
N ALA B 8 -3.49 -1.71 -13.12
CA ALA B 8 -3.06 -2.37 -11.89
C ALA B 8 -4.27 -2.69 -11.01
N LYS B 9 -5.16 -1.72 -10.88
CA LYS B 9 -6.36 -1.87 -10.06
C LYS B 9 -7.19 -3.07 -10.52
N SER B 10 -7.34 -3.19 -11.84
CA SER B 10 -8.15 -4.26 -12.42
C SER B 10 -7.52 -5.63 -12.17
N PHE B 11 -6.21 -5.72 -12.33
CA PHE B 11 -5.50 -6.97 -12.08
C PHE B 11 -5.59 -7.36 -10.61
N VAL B 12 -5.34 -6.39 -9.73
CA VAL B 12 -5.35 -6.64 -8.28
C VAL B 12 -6.71 -7.17 -7.84
N GLU B 13 -7.77 -6.54 -8.32
CA GLU B 13 -9.12 -6.96 -7.98
C GLU B 13 -9.40 -8.37 -8.46
N TRP B 14 -8.97 -8.68 -9.68
CA TRP B 14 -9.15 -10.03 -10.22
C TRP B 14 -8.37 -11.07 -9.42
N TYR B 15 -7.08 -10.81 -9.25
CA TYR B 15 -6.16 -11.82 -8.73
C TYR B 15 -6.56 -12.30 -7.33
N TYR B 16 -6.79 -11.38 -6.42
CA TYR B 16 -7.12 -11.74 -5.05
C TYR B 16 -8.58 -12.16 -4.90
N ARG B 17 -9.43 -11.78 -5.85
CA ARG B 17 -10.78 -12.33 -5.88
C ARG B 17 -10.74 -13.82 -6.21
N GLN B 18 -9.89 -14.19 -7.18
CA GLN B 18 -9.71 -15.59 -7.52
C GLN B 18 -9.30 -16.40 -6.30
N ILE B 19 -8.29 -15.90 -5.58
CA ILE B 19 -7.77 -16.59 -4.41
C ILE B 19 -8.83 -16.73 -3.32
N ASN B 20 -9.57 -15.65 -3.08
CA ASN B 20 -10.59 -15.65 -2.03
C ASN B 20 -11.80 -16.50 -2.40
N GLU B 21 -11.99 -16.75 -3.70
CA GLU B 21 -13.10 -17.59 -4.17
C GLU B 21 -12.64 -19.01 -4.49
N ASN B 22 -11.43 -19.36 -4.05
CA ASN B 22 -10.88 -20.69 -4.24
C ASN B 22 -10.78 -21.09 -5.71
N LYS B 23 -10.48 -20.12 -6.56
CA LYS B 23 -10.30 -20.36 -8.00
C LYS B 23 -8.83 -20.22 -8.36
N PRO B 24 -8.39 -20.92 -9.43
CA PRO B 24 -6.98 -20.85 -9.84
C PRO B 24 -6.59 -19.49 -10.40
N VAL B 25 -5.35 -19.07 -10.14
CA VAL B 25 -4.80 -17.84 -10.72
C VAL B 25 -3.83 -18.16 -11.85
N ALA B 26 -3.64 -19.44 -12.12
CA ALA B 26 -2.64 -19.90 -13.08
C ALA B 26 -2.84 -19.28 -14.48
N SER B 27 -4.08 -19.00 -14.83
CA SER B 27 -4.39 -18.44 -16.15
C SER B 27 -3.90 -17.01 -16.29
N GLY B 28 -3.47 -16.41 -15.18
CA GLY B 28 -2.98 -15.05 -15.18
C GLY B 28 -1.50 -14.93 -15.47
N TYR B 29 -0.83 -16.06 -15.67
CA TYR B 29 0.61 -16.08 -15.88
C TYR B 29 0.97 -16.29 -17.35
N VAL B 30 2.13 -15.80 -17.75
CA VAL B 30 2.59 -15.92 -19.13
C VAL B 30 2.74 -17.38 -19.57
N ASN B 31 3.02 -18.25 -18.61
CA ASN B 31 3.20 -19.68 -18.88
C ASN B 31 2.06 -20.27 -19.71
N ASN B 32 0.85 -19.78 -19.46
CA ASN B 32 -0.35 -20.37 -20.03
C ASN B 32 -0.94 -19.51 -21.15
N ASN B 33 -0.12 -18.62 -21.69
CA ASN B 33 -0.48 -17.84 -22.87
C ASN B 33 0.31 -18.33 -24.07
N ALA B 34 -0.40 -18.85 -25.07
CA ALA B 34 0.23 -19.49 -26.21
C ALA B 34 1.08 -18.52 -27.01
N THR B 35 0.61 -17.28 -27.15
CA THR B 35 1.34 -16.28 -27.91
C THR B 35 2.71 -16.01 -27.31
N TYR B 36 2.78 -15.87 -25.98
CA TYR B 36 4.05 -15.66 -25.31
C TYR B 36 4.94 -16.89 -25.31
N THR B 37 4.36 -18.06 -25.04
CA THR B 37 5.13 -19.29 -24.96
C THR B 37 5.76 -19.64 -26.30
N LYS B 38 4.96 -19.59 -27.35
CA LYS B 38 5.43 -19.89 -28.70
C LYS B 38 6.47 -18.89 -29.17
N ALA B 39 6.39 -17.66 -28.66
CA ALA B 39 7.38 -16.64 -28.99
C ALA B 39 8.66 -16.87 -28.18
N GLY B 40 8.62 -17.86 -27.29
CA GLY B 40 9.79 -18.28 -26.55
C GLY B 40 10.03 -17.57 -25.23
N HIS B 41 8.99 -16.97 -24.67
CA HIS B 41 9.13 -16.32 -23.36
C HIS B 41 9.39 -17.36 -22.29
N PRO B 42 10.36 -17.10 -21.39
CA PRO B 42 10.57 -18.05 -20.29
C PRO B 42 9.35 -18.16 -19.38
N PRO B 43 9.24 -19.26 -18.62
CA PRO B 43 8.17 -19.36 -17.62
C PRO B 43 8.27 -18.26 -16.58
N ALA B 44 7.16 -17.90 -15.96
CA ALA B 44 7.15 -16.85 -14.95
C ALA B 44 8.12 -17.19 -13.82
N ASP B 45 8.86 -16.19 -13.37
CA ASP B 45 9.73 -16.34 -12.20
C ASP B 45 8.87 -16.20 -10.95
N ILE B 46 8.71 -17.31 -10.23
CA ILE B 46 7.85 -17.33 -9.04
C ILE B 46 8.66 -17.68 -7.81
N THR B 47 8.57 -16.82 -6.80
CA THR B 47 9.23 -17.03 -5.52
C THR B 47 8.24 -16.85 -4.38
N ILE B 48 8.06 -17.88 -3.57
CA ILE B 48 7.12 -17.85 -2.45
C ILE B 48 7.89 -18.01 -1.14
N ASN B 49 7.90 -16.94 -0.34
CA ASN B 49 8.66 -16.91 0.91
C ASN B 49 10.09 -17.37 0.71
N GLY B 50 10.73 -16.87 -0.34
CA GLY B 50 12.14 -17.12 -0.59
C GLY B 50 12.44 -18.40 -1.34
N ARG B 51 11.42 -19.23 -1.56
CA ARG B 51 11.59 -20.49 -2.27
C ARG B 51 11.06 -20.42 -3.70
N VAL B 52 11.87 -20.88 -4.65
CA VAL B 52 11.48 -20.90 -6.05
C VAL B 52 10.41 -21.97 -6.30
N VAL B 53 9.33 -21.56 -6.97
CA VAL B 53 8.26 -22.47 -7.37
C VAL B 53 8.22 -22.51 -8.89
N ALA B 54 8.28 -23.73 -9.44
CA ALA B 54 8.51 -23.90 -10.88
C ALA B 54 7.35 -23.41 -11.74
N THR B 55 6.12 -23.63 -11.30
CA THR B 55 4.94 -23.36 -12.12
C THR B 55 3.83 -22.67 -11.33
N PRO B 56 2.96 -21.91 -12.03
CA PRO B 56 1.82 -21.28 -11.36
C PRO B 56 0.83 -22.29 -10.81
N GLU B 57 0.76 -23.47 -11.43
CA GLU B 57 -0.14 -24.52 -10.98
C GLU B 57 0.25 -25.01 -9.59
N GLU B 58 1.55 -25.01 -9.31
CA GLU B 58 2.05 -25.41 -8.00
C GLU B 58 1.69 -24.37 -6.93
N TRP B 59 1.71 -23.10 -7.32
CA TRP B 59 1.31 -22.02 -6.43
C TRP B 59 -0.17 -22.15 -6.05
N ASP B 60 -1.01 -22.51 -7.03
CA ASP B 60 -2.42 -22.76 -6.78
C ASP B 60 -2.61 -23.91 -5.80
N THR B 61 -1.77 -24.93 -5.93
CA THR B 61 -1.85 -26.09 -5.04
C THR B 61 -1.45 -25.70 -3.63
N MET B 62 -0.44 -24.84 -3.51
CA MET B 62 0.00 -24.35 -2.21
C MET B 62 -1.09 -23.54 -1.52
N LEU B 63 -1.87 -22.81 -2.31
CA LEU B 63 -2.99 -22.05 -1.76
C LEU B 63 -4.10 -22.98 -1.27
N LYS B 64 -4.35 -24.05 -2.01
CA LYS B 64 -5.27 -25.09 -1.55
C LYS B 64 -4.80 -25.66 -0.22
N GLU B 65 -3.51 -25.97 -0.15
CA GLU B 65 -2.93 -26.57 1.04
C GLU B 65 -2.97 -25.62 2.23
N GLN B 66 -2.84 -24.32 1.96
CA GLN B 66 -2.93 -23.31 3.01
C GLN B 66 -4.32 -23.31 3.63
N ARG B 67 -5.35 -23.43 2.80
CA ARG B 67 -6.72 -23.51 3.28
C ARG B 67 -6.91 -24.77 4.13
N ALA B 68 -6.40 -25.89 3.63
CA ALA B 68 -6.51 -27.17 4.34
C ALA B 68 -5.85 -27.10 5.71
N GLN B 69 -4.69 -26.45 5.77
CA GLN B 69 -3.93 -26.33 7.01
C GLN B 69 -4.68 -25.56 8.09
N HIS B 70 -5.52 -24.62 7.68
CA HIS B 70 -6.24 -23.77 8.61
C HIS B 70 -7.74 -24.07 8.62
N ASN B 71 -8.11 -25.21 8.04
CA ASN B 71 -9.48 -25.69 8.09
C ASN B 71 -9.74 -26.46 9.40
N THR B 72 -10.43 -25.81 10.33
CA THR B 72 -10.70 -26.40 11.64
C THR B 72 -12.18 -26.78 11.80
N SER B 73 -12.86 -26.99 10.69
CA SER B 73 -14.31 -27.22 10.71
C SER B 73 -14.69 -28.49 11.46
N SER B 74 -13.76 -29.42 11.58
CA SER B 74 -14.03 -30.68 12.28
C SER B 74 -14.01 -30.51 13.80
N SER B 75 -13.64 -29.31 14.26
CA SER B 75 -13.64 -29.01 15.69
C SER B 75 -15.06 -28.83 16.21
N SER B 76 -15.32 -29.37 17.41
CA SER B 76 -16.64 -29.30 18.01
C SER B 76 -16.77 -28.14 19.00
N THR B 77 -15.69 -27.39 19.21
CA THR B 77 -15.66 -26.35 20.23
C THR B 77 -15.34 -24.98 19.65
N LEU B 78 -14.56 -24.94 18.58
CA LEU B 78 -14.21 -23.67 17.96
C LEU B 78 -15.45 -23.00 17.36
N PRO B 79 -15.45 -21.66 17.27
CA PRO B 79 -16.66 -20.98 16.79
C PRO B 79 -16.98 -21.32 15.34
N ILE B 80 -18.27 -21.46 15.03
CA ILE B 80 -18.70 -21.82 13.69
C ILE B 80 -18.84 -20.58 12.81
N GLY B 81 -18.83 -20.78 11.50
CA GLY B 81 -19.02 -19.68 10.56
C GLY B 81 -17.74 -18.92 10.28
N ARG B 82 -16.61 -19.59 10.44
CA ARG B 82 -15.30 -18.98 10.18
C ARG B 82 -14.75 -19.44 8.85
N LYS B 83 -14.09 -18.52 8.15
CA LYS B 83 -13.46 -18.81 6.87
C LYS B 83 -12.00 -19.18 7.11
N PRO B 84 -11.53 -20.30 6.52
CA PRO B 84 -10.13 -20.70 6.75
C PRO B 84 -9.10 -19.64 6.39
N VAL B 85 -9.20 -19.04 5.21
CA VAL B 85 -8.22 -18.05 4.75
C VAL B 85 -8.92 -16.90 4.02
N ARG B 86 -8.49 -15.67 4.33
CA ARG B 86 -8.99 -14.50 3.60
C ARG B 86 -7.90 -13.47 3.38
N TYR B 87 -7.74 -13.05 2.12
CA TYR B 87 -6.78 -12.02 1.75
C TYR B 87 -7.46 -10.65 1.64
N ASP B 88 -6.90 -9.67 2.34
CA ASP B 88 -7.35 -8.28 2.25
C ASP B 88 -6.23 -7.40 1.70
N VAL B 89 -6.49 -6.72 0.60
CA VAL B 89 -5.52 -5.77 0.04
C VAL B 89 -5.68 -4.42 0.74
N ASP B 90 -4.57 -3.88 1.22
CA ASP B 90 -4.56 -2.57 1.86
C ASP B 90 -4.32 -1.48 0.82
N CYS B 91 -3.30 -1.67 0.00
CA CYS B 91 -2.95 -0.71 -1.03
C CYS B 91 -2.01 -1.35 -2.03
N PHE B 92 -1.73 -0.63 -3.12
CA PHE B 92 -0.74 -1.08 -4.09
C PHE B 92 -0.07 0.10 -4.77
N ASP B 93 1.11 -0.18 -5.34
CA ASP B 93 1.89 0.83 -6.03
C ASP B 93 2.34 0.25 -7.36
N VAL B 94 2.27 1.06 -8.41
CA VAL B 94 2.64 0.60 -9.75
C VAL B 94 3.59 1.58 -10.42
N HIS B 95 4.58 1.01 -11.10
CA HIS B 95 5.63 1.77 -11.76
C HIS B 95 5.90 1.18 -13.13
N VAL B 96 5.83 2.00 -14.17
CA VAL B 96 6.08 1.53 -15.52
C VAL B 96 7.59 1.37 -15.74
N ILE B 97 8.01 0.12 -15.95
CA ILE B 97 9.41 -0.17 -16.19
C ILE B 97 9.78 0.14 -17.64
N ASN B 98 8.89 -0.23 -18.55
CA ASN B 98 9.13 -0.05 -19.97
C ASN B 98 7.82 0.32 -20.66
N ALA B 99 7.77 1.53 -21.20
CA ALA B 99 6.56 2.05 -21.82
C ALA B 99 6.46 1.65 -23.29
N ASP B 100 7.47 0.95 -23.79
CA ASP B 100 7.52 0.51 -25.18
C ASP B 100 7.81 -0.99 -25.24
N TYR B 101 7.03 -1.77 -24.50
CA TYR B 101 7.24 -3.21 -24.40
C TYR B 101 6.83 -3.89 -25.71
N ARG B 102 7.70 -4.76 -26.22
CA ARG B 102 7.54 -5.29 -27.58
C ARG B 102 7.57 -6.81 -27.70
N PHE B 103 7.75 -7.54 -26.60
CA PHE B 103 7.87 -8.99 -26.71
C PHE B 103 6.58 -9.61 -27.22
N ALA B 104 6.69 -10.39 -28.30
CA ALA B 104 5.57 -11.12 -28.87
C ALA B 104 4.45 -10.18 -29.32
N ALA B 105 4.78 -8.90 -29.49
CA ALA B 105 3.78 -7.92 -29.89
C ALA B 105 3.42 -8.11 -31.36
N PRO B 106 2.11 -8.22 -31.66
CA PRO B 106 1.72 -8.17 -33.07
C PRO B 106 2.08 -6.82 -33.67
N GLN B 107 2.43 -6.80 -34.95
CA GLN B 107 2.91 -5.57 -35.58
C GLN B 107 1.85 -4.48 -35.55
N ARG B 108 0.59 -4.88 -35.61
CA ARG B 108 -0.52 -3.92 -35.55
C ARG B 108 -0.55 -3.20 -34.21
N MET B 109 -0.26 -3.92 -33.14
CA MET B 109 -0.30 -3.35 -31.80
C MET B 109 0.83 -2.35 -31.57
N ILE B 110 1.98 -2.61 -32.18
CA ILE B 110 3.12 -1.69 -32.10
C ILE B 110 2.79 -0.39 -32.81
N GLU B 111 2.24 -0.50 -34.01
CA GLU B 111 1.91 0.67 -34.82
C GLU B 111 0.74 1.45 -34.24
N GLN B 112 -0.27 0.72 -33.78
CA GLN B 112 -1.51 1.30 -33.29
C GLN B 112 -1.35 2.00 -31.93
N HIS B 113 -0.44 1.49 -31.11
CA HIS B 113 -0.25 2.00 -29.75
C HIS B 113 1.15 2.56 -29.54
N ALA B 114 1.24 3.88 -29.41
CA ALA B 114 2.51 4.55 -29.16
C ALA B 114 2.95 4.36 -27.71
N PRO B 115 4.25 4.53 -27.43
CA PRO B 115 4.77 4.43 -26.07
C PRO B 115 4.08 5.37 -25.07
N THR B 116 3.38 6.38 -25.58
CA THR B 116 2.71 7.36 -24.73
C THR B 116 1.21 7.07 -24.56
N ASP B 117 0.74 5.98 -25.16
CA ASP B 117 -0.70 5.65 -25.13
C ASP B 117 -1.08 4.79 -23.92
N GLY B 118 -0.09 4.38 -23.15
CA GLY B 118 -0.35 3.67 -21.91
C GLY B 118 -0.98 2.30 -22.06
N VAL B 119 -0.60 1.59 -23.12
CA VAL B 119 -1.11 0.24 -23.37
C VAL B 119 0.02 -0.78 -23.31
N ARG B 120 1.05 -0.56 -24.11
CA ARG B 120 2.17 -1.49 -24.20
C ARG B 120 3.17 -1.25 -23.07
N MET B 121 2.69 -1.40 -21.84
CA MET B 121 3.49 -1.17 -20.65
C MET B 121 3.96 -2.47 -20.02
N MET B 122 5.23 -2.53 -19.61
CA MET B 122 5.65 -3.51 -18.62
C MET B 122 5.68 -2.81 -17.27
N MET B 123 4.95 -3.37 -16.30
CA MET B 123 4.73 -2.69 -15.02
C MET B 123 5.32 -3.47 -13.85
N ALA B 124 5.88 -2.74 -12.89
CA ALA B 124 6.22 -3.29 -11.59
C ALA B 124 5.10 -2.98 -10.62
N LEU B 125 4.44 -4.01 -10.12
CA LEU B 125 3.31 -3.84 -9.22
C LEU B 125 3.64 -4.40 -7.85
N THR B 126 3.53 -3.54 -6.83
CA THR B 126 3.75 -3.94 -5.45
C THR B 126 2.43 -3.85 -4.70
N VAL B 127 2.06 -4.95 -4.04
CA VAL B 127 0.80 -5.03 -3.32
C VAL B 127 1.07 -5.31 -1.84
N SER B 128 0.37 -4.57 -0.97
CA SER B 128 0.47 -4.76 0.46
C SER B 128 -0.89 -5.07 1.04
N GLY B 129 -0.95 -6.02 1.96
CA GLY B 129 -2.21 -6.40 2.59
C GLY B 129 -2.04 -7.33 3.77
N SER B 130 -3.15 -7.95 4.17
CA SER B 130 -3.15 -8.87 5.31
C SER B 130 -3.83 -10.19 4.94
N VAL B 131 -3.41 -11.26 5.59
CA VAL B 131 -4.06 -12.56 5.46
C VAL B 131 -4.67 -12.94 6.81
N TYR B 132 -5.98 -13.20 6.81
CA TYR B 132 -6.69 -13.57 8.03
C TYR B 132 -7.03 -15.06 8.01
N PHE B 133 -6.65 -15.75 9.07
CA PHE B 133 -6.95 -17.17 9.21
C PHE B 133 -7.99 -17.40 10.30
N GLY B 134 -9.06 -18.10 9.96
CA GLY B 134 -10.07 -18.47 10.94
C GLY B 134 -10.95 -17.31 11.38
N ALA B 135 -11.02 -16.26 10.57
CA ALA B 135 -11.80 -15.09 10.90
C ALA B 135 -13.21 -15.18 10.32
N SER B 136 -14.15 -14.44 10.92
CA SER B 136 -15.46 -14.29 10.32
C SER B 136 -15.30 -13.60 8.98
N PRO B 137 -16.21 -13.86 8.02
CA PRO B 137 -16.06 -13.40 6.63
C PRO B 137 -15.69 -11.93 6.44
N ARG B 138 -16.09 -11.05 7.36
CA ARG B 138 -15.84 -9.62 7.21
C ARG B 138 -15.08 -9.03 8.39
N SER B 139 -14.74 -9.86 9.37
CA SER B 139 -14.05 -9.39 10.58
C SER B 139 -12.55 -9.25 10.34
N THR B 140 -11.96 -8.23 10.96
CA THR B 140 -10.51 -8.04 10.98
C THR B 140 -9.98 -8.19 12.40
N ASP B 141 -10.80 -8.75 13.30
CA ASP B 141 -10.47 -8.78 14.72
C ASP B 141 -10.51 -10.17 15.36
N ASP B 142 -11.35 -11.07 14.85
CA ASP B 142 -11.57 -12.36 15.51
C ASP B 142 -10.78 -13.52 14.91
N TYR B 143 -9.76 -13.18 14.12
CA TYR B 143 -8.86 -14.19 13.55
C TYR B 143 -8.13 -14.97 14.63
N VAL B 144 -7.65 -16.16 14.30
CA VAL B 144 -6.74 -16.90 15.16
C VAL B 144 -5.29 -16.52 14.80
N ILE B 145 -5.06 -16.28 13.51
CA ILE B 145 -3.76 -15.81 13.03
C ILE B 145 -3.97 -14.69 12.01
N LYS B 146 -3.07 -13.71 12.06
CA LYS B 146 -3.03 -12.66 11.06
C LYS B 146 -1.61 -12.54 10.53
N GLN B 147 -1.48 -12.50 9.21
CA GLN B 147 -0.21 -12.25 8.55
C GLN B 147 -0.26 -10.93 7.80
N HIS B 148 0.91 -10.32 7.63
CA HIS B 148 1.08 -9.26 6.65
C HIS B 148 1.69 -9.92 5.43
N PHE B 149 1.28 -9.50 4.24
CA PHE B 149 1.89 -10.03 3.03
C PHE B 149 2.28 -8.91 2.07
N ASN B 150 3.33 -9.18 1.30
CA ASN B 150 3.73 -8.31 0.21
C ASN B 150 3.85 -9.12 -1.06
N ASP B 151 3.26 -8.61 -2.13
CA ASP B 151 3.38 -9.21 -3.46
C ASP B 151 4.06 -8.25 -4.41
N VAL B 152 5.04 -8.75 -5.16
CA VAL B 152 5.68 -7.97 -6.20
C VAL B 152 5.51 -8.68 -7.54
N PHE B 153 4.78 -8.04 -8.45
CA PHE B 153 4.53 -8.58 -9.78
C PHE B 153 5.27 -7.79 -10.83
N ILE B 154 5.69 -8.48 -11.89
CA ILE B 154 6.00 -7.81 -13.15
C ILE B 154 4.92 -8.20 -14.15
N LEU B 155 4.19 -7.20 -14.65
CA LEU B 155 3.08 -7.44 -15.56
C LEU B 155 3.45 -7.04 -16.98
N VAL B 156 3.01 -7.83 -17.95
CA VAL B 156 3.24 -7.55 -19.36
C VAL B 156 1.91 -7.61 -20.13
N PRO B 157 1.82 -6.92 -21.27
CA PRO B 157 0.53 -6.84 -21.98
C PRO B 157 0.07 -8.18 -22.57
N ASN B 158 -1.20 -8.50 -22.36
CA ASN B 158 -1.82 -9.65 -22.99
C ASN B 158 -2.32 -9.27 -24.38
N TRP B 159 -1.49 -9.52 -25.40
CA TRP B 159 -1.80 -9.12 -26.77
C TRP B 159 -3.11 -9.70 -27.28
N ASP B 160 -3.34 -10.98 -26.95
CA ASP B 160 -4.56 -11.67 -27.37
C ASP B 160 -5.80 -10.89 -26.97
N VAL B 161 -5.82 -10.43 -25.72
CA VAL B 161 -6.97 -9.70 -25.18
C VAL B 161 -6.98 -8.25 -25.64
N LEU B 162 -5.82 -7.61 -25.65
CA LEU B 162 -5.74 -6.17 -25.92
C LEU B 162 -6.07 -5.80 -27.35
N GLU B 163 -5.98 -6.77 -28.27
CA GLU B 163 -6.22 -6.48 -29.68
C GLU B 163 -7.66 -6.73 -30.12
N LYS B 164 -8.41 -7.51 -29.35
CA LYS B 164 -9.79 -7.80 -29.71
C LYS B 164 -10.66 -6.55 -29.57
N GLY B 170 -11.01 -7.57 -18.43
CA GLY B 170 -9.99 -8.08 -17.54
C GLY B 170 -8.91 -8.85 -18.28
N ARG B 171 -8.01 -9.46 -17.52
CA ARG B 171 -6.88 -10.24 -18.03
C ARG B 171 -6.15 -9.54 -19.18
N LYS B 172 -6.08 -8.22 -19.10
CA LYS B 172 -5.40 -7.40 -20.09
C LYS B 172 -3.89 -7.46 -19.91
N TYR B 173 -3.44 -7.88 -18.73
CA TYR B 173 -2.02 -8.02 -18.43
C TYR B 173 -1.71 -9.34 -17.73
N LEU B 174 -0.55 -9.91 -18.05
CA LEU B 174 -0.14 -11.22 -17.56
C LEU B 174 1.07 -11.12 -16.63
N ILE B 175 1.17 -12.07 -15.70
CA ILE B 175 2.28 -12.11 -14.76
C ILE B 175 3.51 -12.75 -15.38
N ALA B 176 4.62 -12.01 -15.39
CA ALA B 176 5.90 -12.52 -15.88
C ALA B 176 6.84 -12.83 -14.72
N SER B 177 6.58 -12.20 -13.58
CA SER B 177 7.36 -12.44 -12.37
C SER B 177 6.49 -12.22 -11.14
N HIS B 178 6.73 -13.00 -10.10
CA HIS B 178 5.92 -12.95 -8.89
C HIS B 178 6.76 -13.28 -7.66
N LYS B 179 6.84 -12.34 -6.73
CA LYS B 179 7.51 -12.59 -5.45
C LYS B 179 6.54 -12.34 -4.30
N TYR B 180 6.30 -13.39 -3.52
CA TYR B 180 5.35 -13.35 -2.41
C TYR B 180 6.08 -13.55 -1.09
N ARG B 181 5.77 -12.71 -0.12
CA ARG B 181 6.32 -12.82 1.23
C ARG B 181 5.23 -12.56 2.24
N ALA B 182 5.01 -13.53 3.14
CA ALA B 182 4.04 -13.37 4.22
C ALA B 182 4.64 -13.82 5.55
N TYR B 183 4.30 -13.11 6.62
CA TYR B 183 4.78 -13.44 7.96
C TYR B 183 3.82 -12.94 9.02
#